data_1X8U
#
_entry.id   1X8U
#
_cell.length_a   114.800
_cell.length_b   114.800
_cell.length_c   119.100
_cell.angle_alpha   90.00
_cell.angle_beta   90.00
_cell.angle_gamma   90.00
#
_symmetry.space_group_name_H-M   'P 41 21 2'
#
loop_
_entity.id
_entity.type
_entity.pdbx_description
1 polymer 'Neutrophil gelatinase-associated lipocalin'
2 non-polymer 'CARBOXYMYCOBACTIN T'
3 water water
#
_entity_poly.entity_id   1
_entity_poly.type   'polypeptide(L)'
_entity_poly.pdbx_seq_one_letter_code
;QDSTSDLIPAPPLSKVPLQQNFQDNQFQGKWYVVGLAGNAILREDKDPQKMYATIYELKEDKSYNVTSVLFRKKKCDYWI
RTFVPGSQPGEFTLGNIKSYPGLTSYLVRVVSTNYNQHAMVFFKKVSQNREYFKITLYGRTKELTSELKENFIRFSKSLG
LPENHIVFPVPIDQCIDG
;
_entity_poly.pdbx_strand_id   A,B,C
#
# COMPACT_ATOMS: atom_id res chain seq x y z
N SER A 3 6.34 38.91 12.82
CA SER A 3 5.63 37.82 12.03
C SER A 3 4.46 38.30 11.15
N THR A 4 4.42 37.71 9.94
CA THR A 4 3.42 37.92 8.92
C THR A 4 3.41 36.53 8.33
N SER A 5 2.31 35.78 8.48
CA SER A 5 2.19 34.44 7.88
C SER A 5 0.79 34.26 7.27
N ASP A 6 0.70 33.42 6.25
CA ASP A 6 -0.53 33.16 5.55
C ASP A 6 -0.76 31.68 5.72
N LEU A 7 -1.95 31.25 6.06
CA LEU A 7 -2.23 29.84 6.25
C LEU A 7 -3.54 29.43 5.58
N ILE A 8 -3.55 28.19 5.10
CA ILE A 8 -4.78 27.62 4.55
C ILE A 8 -5.62 27.48 5.81
N PRO A 9 -6.88 27.88 5.73
CA PRO A 9 -7.73 27.77 6.92
C PRO A 9 -8.04 26.33 7.34
N ALA A 10 -8.19 26.11 8.66
CA ALA A 10 -8.55 24.84 9.23
C ALA A 10 -9.90 24.57 8.65
N PRO A 11 -10.22 23.31 8.40
CA PRO A 11 -11.56 23.01 7.84
C PRO A 11 -12.58 22.97 8.97
N PRO A 12 -13.86 23.12 8.64
CA PRO A 12 -14.82 23.04 9.73
C PRO A 12 -14.83 21.56 10.23
N LEU A 13 -15.04 21.36 11.52
CA LEU A 13 -15.05 20.07 12.09
C LEU A 13 -15.99 19.13 11.41
N SER A 14 -17.01 19.67 10.76
CA SER A 14 -17.99 18.82 10.14
C SER A 14 -17.42 18.13 8.91
N LYS A 15 -16.23 18.51 8.46
CA LYS A 15 -15.62 17.79 7.33
C LYS A 15 -14.62 16.73 7.81
N VAL A 16 -14.60 16.48 9.12
CA VAL A 16 -13.63 15.57 9.66
C VAL A 16 -14.34 14.45 10.32
N PRO A 17 -14.40 13.28 9.66
CA PRO A 17 -15.12 12.16 10.29
C PRO A 17 -14.39 11.65 11.54
N LEU A 18 -15.15 11.01 12.42
CA LEU A 18 -14.70 10.40 13.66
C LEU A 18 -14.77 8.86 13.49
N GLN A 19 -13.73 8.12 13.88
CA GLN A 19 -13.77 6.64 13.82
C GLN A 19 -14.90 6.14 14.76
N GLN A 20 -15.88 5.43 14.24
CA GLN A 20 -16.96 4.97 15.12
C GLN A 20 -16.50 3.85 16.09
N ASN A 21 -17.12 3.75 17.26
CA ASN A 21 -16.78 2.68 18.20
C ASN A 21 -15.29 2.66 18.40
N PHE A 22 -14.69 3.78 18.79
CA PHE A 22 -13.24 3.83 18.97
C PHE A 22 -12.76 2.98 20.13
N GLN A 23 -11.75 2.12 19.91
CA GLN A 23 -11.23 1.28 21.02
C GLN A 23 -9.87 1.80 21.56
N ASP A 24 -9.88 2.48 22.69
CA ASP A 24 -8.62 3.04 23.13
C ASP A 24 -7.50 2.02 23.36
N ASN A 25 -7.90 0.86 23.87
CA ASN A 25 -6.91 -0.16 24.15
C ASN A 25 -6.24 -0.67 22.87
N GLN A 26 -6.99 -0.82 21.78
CA GLN A 26 -6.42 -1.31 20.52
C GLN A 26 -5.68 -0.25 19.73
N PHE A 27 -5.80 1.00 20.12
CA PHE A 27 -5.11 2.01 19.37
C PHE A 27 -3.68 2.22 19.90
N GLN A 28 -3.41 1.68 21.08
CA GLN A 28 -2.11 1.80 21.71
C GLN A 28 -0.90 1.23 20.90
N GLY A 29 0.29 1.58 21.35
CA GLY A 29 1.47 1.08 20.70
C GLY A 29 2.13 2.04 19.74
N LYS A 30 3.01 1.49 18.95
CA LYS A 30 3.75 2.32 18.07
C LYS A 30 3.14 2.49 16.71
N TRP A 31 3.22 3.71 16.17
CA TRP A 31 2.76 3.97 14.81
C TRP A 31 3.81 4.73 14.05
N TYR A 32 4.03 4.38 12.80
CA TYR A 32 4.94 5.11 11.97
C TYR A 32 4.13 6.20 11.18
N VAL A 33 4.76 7.36 10.93
CA VAL A 33 4.11 8.42 10.16
C VAL A 33 4.48 8.17 8.69
N VAL A 34 3.60 7.49 7.95
CA VAL A 34 3.95 7.24 6.55
C VAL A 34 3.46 8.39 5.65
N GLY A 35 2.50 9.18 6.13
CA GLY A 35 2.03 10.34 5.37
C GLY A 35 1.84 11.46 6.38
N LEU A 36 2.03 12.69 5.92
CA LEU A 36 1.94 13.86 6.79
C LEU A 36 1.39 15.04 5.93
N ALA A 37 0.33 15.70 6.39
CA ALA A 37 -0.28 16.82 5.64
C ALA A 37 -0.78 17.91 6.59
N GLY A 38 -0.72 19.17 6.18
CA GLY A 38 -1.18 20.21 7.07
C GLY A 38 -0.95 21.62 6.52
N ASN A 39 -1.48 22.65 7.18
CA ASN A 39 -1.25 23.98 6.61
C ASN A 39 0.14 24.52 6.94
N ALA A 40 0.87 23.86 7.85
CA ALA A 40 2.24 24.30 8.06
C ALA A 40 3.21 23.18 7.62
N ILE A 41 2.71 22.21 6.86
CA ILE A 41 3.58 21.14 6.33
C ILE A 41 3.95 21.51 4.83
N LEU A 42 5.23 21.52 4.49
CA LEU A 42 5.68 21.84 3.12
C LEU A 42 6.65 20.80 2.54
N ARG A 43 6.42 20.34 1.32
CA ARG A 43 7.32 19.41 0.69
C ARG A 43 8.67 20.12 0.57
N GLU A 44 9.74 19.37 0.75
CA GLU A 44 11.04 20.00 0.67
C GLU A 44 11.91 18.99 -0.09
N ASP A 45 11.82 19.05 -1.42
CA ASP A 45 12.51 18.13 -2.33
C ASP A 45 14.02 18.09 -2.11
N LYS A 46 14.59 19.18 -1.61
CA LYS A 46 16.02 19.22 -1.38
C LYS A 46 16.39 18.33 -0.20
N ASP A 47 15.76 18.58 0.95
CA ASP A 47 16.01 17.79 2.15
C ASP A 47 14.69 17.11 2.59
N PRO A 48 14.23 16.10 1.83
CA PRO A 48 12.98 15.42 2.16
C PRO A 48 12.89 14.98 3.64
N GLN A 49 11.69 15.10 4.16
CA GLN A 49 11.39 14.78 5.54
C GLN A 49 11.59 13.27 5.90
N LYS A 50 12.23 12.99 7.02
CA LYS A 50 12.45 11.60 7.41
C LYS A 50 11.32 11.05 8.27
N MET A 51 10.96 9.80 8.05
CA MET A 51 9.92 9.17 8.86
C MET A 51 10.28 9.24 10.37
N TYR A 52 9.25 9.44 11.19
CA TYR A 52 9.43 9.42 12.63
C TYR A 52 8.31 8.51 13.17
N ALA A 53 8.27 8.22 14.47
CA ALA A 53 7.24 7.32 14.99
C ALA A 53 6.58 7.93 16.22
N THR A 54 5.36 7.51 16.52
CA THR A 54 4.66 8.07 17.65
C THR A 54 4.10 6.90 18.41
N ILE A 55 4.42 6.85 19.70
CA ILE A 55 3.94 5.74 20.55
C ILE A 55 2.81 6.13 21.53
N TYR A 56 1.64 5.49 21.45
CA TYR A 56 0.52 5.76 22.39
C TYR A 56 0.43 4.70 23.51
N GLU A 57 0.56 5.13 24.76
CA GLU A 57 0.46 4.22 25.92
C GLU A 57 -0.66 4.67 26.76
N LEU A 58 -1.64 3.79 27.00
CA LEU A 58 -2.80 4.08 27.87
C LEU A 58 -2.38 4.01 29.32
N LYS A 59 -2.63 5.05 30.08
CA LYS A 59 -2.30 5.02 31.52
C LYS A 59 -3.51 4.47 32.26
N GLU A 60 -3.38 4.25 33.54
CA GLU A 60 -4.51 3.68 34.27
C GLU A 60 -5.78 4.51 34.11
N ASP A 61 -5.64 5.85 34.22
CA ASP A 61 -6.77 6.79 34.09
C ASP A 61 -7.29 6.97 32.64
N LYS A 62 -6.78 6.16 31.74
CA LYS A 62 -7.19 6.14 30.34
C LYS A 62 -6.75 7.28 29.47
N SER A 63 -5.82 8.07 29.98
CA SER A 63 -5.24 9.14 29.17
C SER A 63 -4.08 8.46 28.45
N TYR A 64 -3.58 9.05 27.37
CA TYR A 64 -2.46 8.42 26.71
C TYR A 64 -1.20 9.18 27.01
N ASN A 65 -0.13 8.42 27.14
CA ASN A 65 1.14 9.05 27.29
C ASN A 65 1.63 8.99 25.86
N VAL A 66 1.92 10.11 25.25
CA VAL A 66 2.30 10.12 23.83
C VAL A 66 3.77 10.55 23.65
N THR A 67 4.57 9.65 23.04
CA THR A 67 5.97 9.87 22.80
C THR A 67 6.28 9.77 21.32
N SER A 68 6.84 10.84 20.77
CA SER A 68 7.23 10.84 19.35
C SER A 68 8.75 10.80 19.35
N VAL A 69 9.31 10.06 18.42
CA VAL A 69 10.76 10.00 18.32
C VAL A 69 11.20 10.22 16.90
N LEU A 70 12.21 11.09 16.69
CA LEU A 70 12.72 11.40 15.34
C LEU A 70 14.23 11.36 15.39
N PHE A 71 14.83 11.24 14.22
CA PHE A 71 16.27 11.15 14.07
C PHE A 71 16.65 12.54 13.53
N ARG A 72 17.53 13.25 14.22
CA ARG A 72 17.95 14.59 13.87
C ARG A 72 19.33 14.90 14.45
N LYS A 73 20.21 15.42 13.61
CA LYS A 73 21.54 15.80 14.02
C LYS A 73 22.24 14.54 14.65
N LYS A 74 22.14 13.37 13.97
CA LYS A 74 22.73 12.12 14.44
C LYS A 74 22.19 11.59 15.79
N LYS A 75 21.15 12.22 16.35
CA LYS A 75 20.59 11.78 17.58
C LYS A 75 19.08 11.48 17.55
N CYS A 76 18.59 10.73 18.55
CA CYS A 76 17.16 10.43 18.63
C CYS A 76 16.58 11.50 19.53
N ASP A 77 15.58 12.24 19.06
CA ASP A 77 14.95 13.27 19.92
C ASP A 77 13.57 12.81 20.31
N TYR A 78 13.27 12.89 21.59
CA TYR A 78 12.01 12.43 22.06
C TYR A 78 11.08 13.54 22.47
N TRP A 79 9.80 13.45 22.08
CA TRP A 79 8.84 14.51 22.48
C TRP A 79 7.68 13.85 23.21
N ILE A 80 7.34 14.36 24.38
CA ILE A 80 6.32 13.73 25.17
C ILE A 80 5.14 14.62 25.53
N ARG A 81 3.95 14.08 25.39
CA ARG A 81 2.78 14.80 25.74
C ARG A 81 1.72 13.90 26.26
N THR A 82 0.69 14.47 26.88
CA THR A 82 -0.45 13.72 27.41
C THR A 82 -1.71 14.08 26.63
N PHE A 83 -2.44 13.05 26.16
CA PHE A 83 -3.71 13.25 25.39
C PHE A 83 -4.78 12.76 26.35
N VAL A 84 -5.70 13.63 26.70
CA VAL A 84 -6.76 13.26 27.61
C VAL A 84 -8.04 13.20 26.81
N PRO A 85 -8.88 12.16 27.06
CA PRO A 85 -10.18 11.90 26.36
C PRO A 85 -11.03 13.15 26.24
N GLY A 86 -11.57 13.41 25.07
CA GLY A 86 -12.38 14.59 24.89
C GLY A 86 -13.86 14.37 24.96
N SER A 87 -14.63 15.04 24.11
CA SER A 87 -16.06 14.96 24.22
C SER A 87 -16.65 13.63 23.78
N GLN A 88 -16.00 12.97 22.83
CA GLN A 88 -16.47 11.65 22.40
C GLN A 88 -15.27 10.67 22.17
N PRO A 89 -15.53 9.33 22.23
CA PRO A 89 -14.52 8.27 22.08
C PRO A 89 -13.75 8.52 20.78
N GLY A 90 -12.43 8.64 20.87
CA GLY A 90 -11.63 8.91 19.66
C GLY A 90 -11.21 10.41 19.53
N GLU A 91 -11.62 11.25 20.48
CA GLU A 91 -11.24 12.66 20.49
C GLU A 91 -10.42 12.93 21.72
N PHE A 92 -9.48 13.85 21.62
CA PHE A 92 -8.65 14.14 22.76
C PHE A 92 -8.26 15.61 22.84
N THR A 93 -7.85 16.03 24.01
CA THR A 93 -7.34 17.36 24.14
C THR A 93 -5.98 17.11 24.82
N LEU A 94 -5.17 18.14 24.89
CA LEU A 94 -3.84 18.05 25.39
C LEU A 94 -3.81 18.31 26.85
N GLY A 95 -3.13 17.48 27.62
CA GLY A 95 -3.03 17.74 29.05
C GLY A 95 -1.93 18.81 29.34
N ASN A 96 -2.16 19.57 30.39
CA ASN A 96 -1.27 20.65 30.86
C ASN A 96 -0.98 21.67 29.77
N ILE A 97 -2.01 22.05 29.03
CA ILE A 97 -1.87 23.02 27.96
C ILE A 97 -1.16 24.23 28.56
N LYS A 98 -1.44 24.46 29.84
CA LYS A 98 -0.83 25.55 30.57
C LYS A 98 0.68 25.67 30.38
N SER A 99 1.43 24.56 30.52
CA SER A 99 2.89 24.56 30.38
C SER A 99 3.44 24.91 29.03
N TYR A 100 2.61 25.23 28.06
CA TYR A 100 3.12 25.62 26.76
C TYR A 100 2.64 27.05 26.56
N PRO A 101 3.61 27.97 26.44
CA PRO A 101 3.40 29.39 26.26
C PRO A 101 2.81 29.68 24.88
N GLY A 102 1.65 30.30 24.86
CA GLY A 102 1.10 30.65 23.56
C GLY A 102 0.11 29.71 22.91
N LEU A 103 -0.21 28.61 23.60
CA LEU A 103 -1.09 27.59 23.08
C LEU A 103 -2.40 27.71 23.74
N THR A 104 -3.45 28.03 23.00
CA THR A 104 -4.75 28.19 23.63
C THR A 104 -5.79 27.10 23.34
N SER A 105 -5.56 26.29 22.31
CA SER A 105 -6.46 25.17 22.09
C SER A 105 -5.73 24.04 21.31
N TYR A 106 -6.12 22.79 21.60
CA TYR A 106 -5.53 21.64 20.97
C TYR A 106 -6.57 20.53 20.85
N LEU A 107 -6.78 20.01 19.66
CA LEU A 107 -7.81 19.00 19.50
C LEU A 107 -7.27 17.83 18.70
N VAL A 108 -7.59 16.60 19.12
CA VAL A 108 -7.16 15.44 18.37
C VAL A 108 -8.42 14.60 18.02
N ARG A 109 -8.55 14.20 16.77
CA ARG A 109 -9.71 13.40 16.40
C ARG A 109 -9.30 12.21 15.53
N VAL A 110 -9.45 10.97 16.02
CA VAL A 110 -9.10 9.79 15.17
C VAL A 110 -10.15 9.68 14.07
N VAL A 111 -9.75 9.86 12.82
CA VAL A 111 -10.63 9.86 11.68
C VAL A 111 -11.09 8.46 11.22
N SER A 112 -10.14 7.50 11.17
CA SER A 112 -10.36 6.06 10.84
C SER A 112 -9.08 5.25 11.14
N THR A 113 -9.29 3.98 11.44
CA THR A 113 -8.23 3.05 11.71
C THR A 113 -8.85 1.65 11.81
N ASN A 114 -8.03 0.64 11.47
CA ASN A 114 -8.38 -0.78 11.69
C ASN A 114 -7.45 -1.29 12.84
N TYR A 115 -6.79 -0.35 13.54
CA TYR A 115 -5.93 -0.70 14.66
C TYR A 115 -4.64 -1.55 14.48
N ASN A 116 -4.59 -2.46 13.50
CA ASN A 116 -3.38 -3.32 13.39
C ASN A 116 -2.58 -3.09 12.14
N GLN A 117 -3.06 -2.19 11.29
CA GLN A 117 -2.31 -1.82 10.12
C GLN A 117 -2.28 -0.30 9.85
N HIS A 118 -3.40 0.42 9.99
CA HIS A 118 -3.32 1.85 9.59
C HIS A 118 -4.27 2.74 10.34
N ALA A 119 -4.06 4.04 10.17
CA ALA A 119 -4.93 5.05 10.83
C ALA A 119 -4.72 6.41 10.22
N MET A 120 -5.72 7.25 10.35
CA MET A 120 -5.64 8.63 9.86
C MET A 120 -6.12 9.46 11.05
N VAL A 121 -5.29 10.42 11.48
CA VAL A 121 -5.61 11.23 12.66
C VAL A 121 -5.51 12.72 12.31
N PHE A 122 -6.50 13.49 12.70
CA PHE A 122 -6.58 14.93 12.43
C PHE A 122 -6.20 15.68 13.70
N PHE A 123 -5.37 16.70 13.59
CA PHE A 123 -5.05 17.54 14.77
C PHE A 123 -5.31 19.02 14.41
N LYS A 124 -5.81 19.79 15.37
CA LYS A 124 -6.00 21.23 15.15
C LYS A 124 -5.56 21.96 16.39
N LYS A 125 -4.79 23.02 16.22
CA LYS A 125 -4.41 23.75 17.42
C LYS A 125 -4.38 25.27 17.16
N VAL A 126 -4.46 26.05 18.24
CA VAL A 126 -4.32 27.49 18.08
C VAL A 126 -3.10 27.87 18.93
N SER A 127 -2.07 28.40 18.27
CA SER A 127 -0.80 28.74 18.89
C SER A 127 -0.42 30.15 18.47
N GLN A 128 -0.10 31.02 19.43
CA GLN A 128 0.16 32.48 19.18
C GLN A 128 -0.97 33.01 18.30
N ASN A 129 -2.20 32.66 18.63
CA ASN A 129 -3.35 33.07 17.88
C ASN A 129 -3.41 32.58 16.41
N ARG A 130 -2.47 31.73 15.95
CA ARG A 130 -2.62 31.25 14.57
C ARG A 130 -3.24 29.83 14.63
N GLU A 131 -4.17 29.58 13.70
CA GLU A 131 -4.83 28.30 13.68
C GLU A 131 -4.16 27.27 12.72
N TYR A 132 -3.57 26.25 13.32
CA TYR A 132 -2.86 25.21 12.60
C TYR A 132 -3.62 23.89 12.55
N PHE A 133 -3.46 23.16 11.44
CA PHE A 133 -4.06 21.80 11.41
C PHE A 133 -3.14 20.80 10.63
N LYS A 134 -3.18 19.50 10.98
CA LYS A 134 -2.43 18.51 10.17
C LYS A 134 -3.19 17.19 10.22
N ILE A 135 -2.86 16.29 9.31
CA ILE A 135 -3.45 14.95 9.28
C ILE A 135 -2.24 14.00 9.13
N THR A 136 -2.22 12.98 9.98
CA THR A 136 -1.15 12.00 9.86
C THR A 136 -1.72 10.68 9.31
N LEU A 137 -0.94 10.05 8.43
CA LEU A 137 -1.33 8.71 7.93
C LEU A 137 -0.38 7.80 8.72
N TYR A 138 -0.94 7.05 9.67
CA TYR A 138 -0.13 6.19 10.52
C TYR A 138 -0.14 4.75 10.00
N GLY A 139 1.02 4.13 10.12
CA GLY A 139 1.16 2.76 9.73
C GLY A 139 1.78 1.93 10.82
N ARG A 140 1.28 0.71 11.00
CA ARG A 140 1.85 -0.22 11.96
C ARG A 140 3.24 -0.69 11.41
N THR A 141 3.38 -0.63 10.09
CA THR A 141 4.68 -0.91 9.44
C THR A 141 5.01 0.38 8.64
N LYS A 142 6.27 0.49 8.21
CA LYS A 142 6.75 1.68 7.50
C LYS A 142 6.24 1.87 6.11
N GLU A 143 5.54 0.87 5.61
CA GLU A 143 5.03 0.86 4.24
C GLU A 143 3.55 0.62 4.25
N LEU A 144 2.83 1.26 3.36
CA LEU A 144 1.39 1.06 3.27
C LEU A 144 1.00 0.93 1.77
N THR A 145 -0.11 0.25 1.50
CA THR A 145 -0.50 0.10 0.11
C THR A 145 -0.72 1.43 -0.57
N SER A 146 -0.51 1.44 -1.87
CA SER A 146 -0.70 2.66 -2.59
C SER A 146 -2.21 3.04 -2.50
N GLU A 147 -3.10 2.09 -2.24
CA GLU A 147 -4.49 2.46 -2.11
C GLU A 147 -4.73 3.37 -0.88
N LEU A 148 -4.05 3.07 0.24
CA LEU A 148 -4.21 3.86 1.47
C LEU A 148 -3.59 5.24 1.27
N LYS A 149 -2.48 5.31 0.58
CA LYS A 149 -1.87 6.57 0.37
C LYS A 149 -2.75 7.54 -0.47
N GLU A 150 -3.37 7.00 -1.53
CA GLU A 150 -4.22 7.82 -2.38
C GLU A 150 -5.37 8.33 -1.57
N ASN A 151 -5.89 7.45 -0.73
CA ASN A 151 -7.00 7.80 0.08
C ASN A 151 -6.69 8.99 1.02
N PHE A 152 -5.51 8.93 1.64
CA PHE A 152 -5.04 9.97 2.55
C PHE A 152 -4.91 11.24 1.70
N ILE A 153 -4.41 11.10 0.49
CA ILE A 153 -4.27 12.24 -0.37
C ILE A 153 -5.62 12.88 -0.70
N ARG A 154 -6.64 12.07 -0.98
CA ARG A 154 -7.93 12.64 -1.30
C ARG A 154 -8.54 13.36 -0.09
N PHE A 155 -8.37 12.74 1.07
CA PHE A 155 -8.93 13.32 2.28
C PHE A 155 -8.21 14.69 2.59
N SER A 156 -6.89 14.78 2.40
CA SER A 156 -6.17 15.98 2.69
C SER A 156 -6.69 17.09 1.80
N LYS A 157 -6.88 16.74 0.51
CA LYS A 157 -7.38 17.72 -0.48
C LYS A 157 -8.80 18.10 -0.16
N SER A 158 -9.57 17.17 0.35
CA SER A 158 -10.92 17.48 0.70
C SER A 158 -10.92 18.51 1.85
N LEU A 159 -9.76 18.80 2.44
CA LEU A 159 -9.77 19.70 3.56
C LEU A 159 -9.08 20.99 3.12
N GLY A 160 -8.87 21.11 1.81
CA GLY A 160 -8.29 22.34 1.29
C GLY A 160 -6.81 22.31 1.06
N LEU A 161 -6.17 21.17 1.30
CA LEU A 161 -4.76 21.15 1.14
C LEU A 161 -4.31 20.71 -0.24
N PRO A 162 -3.43 21.50 -0.86
CA PRO A 162 -2.92 21.13 -2.18
C PRO A 162 -1.69 20.16 -1.95
N GLU A 163 -1.22 19.60 -3.05
CA GLU A 163 -0.19 18.60 -3.10
C GLU A 163 1.08 18.99 -2.41
N ASN A 164 1.56 20.22 -2.60
CA ASN A 164 2.78 20.57 -1.92
C ASN A 164 2.64 20.74 -0.39
N HIS A 165 1.44 20.51 0.15
CA HIS A 165 1.27 20.51 1.62
C HIS A 165 1.06 19.05 2.16
N ILE A 166 1.35 18.04 1.33
CA ILE A 166 1.14 16.62 1.68
C ILE A 166 2.45 15.88 1.43
N VAL A 167 3.06 15.27 2.43
CA VAL A 167 4.33 14.57 2.17
C VAL A 167 4.31 13.11 2.64
N PHE A 168 5.27 12.32 2.19
CA PHE A 168 5.35 10.94 2.62
C PHE A 168 6.75 10.82 3.16
N PRO A 169 6.92 10.89 4.47
CA PRO A 169 8.28 10.80 5.01
C PRO A 169 9.01 9.55 4.56
N VAL A 170 10.32 9.70 4.42
CA VAL A 170 11.18 8.56 3.96
C VAL A 170 11.55 7.57 5.05
N PRO A 171 11.25 6.27 4.85
CA PRO A 171 11.59 5.26 5.89
C PRO A 171 13.06 5.31 6.34
N ILE A 172 13.34 5.22 7.62
CA ILE A 172 14.76 5.12 8.03
C ILE A 172 14.77 4.00 9.10
N ASP A 173 15.98 3.63 9.56
CA ASP A 173 16.13 2.59 10.55
C ASP A 173 16.53 3.16 11.88
N GLN A 174 17.21 4.31 11.85
CA GLN A 174 17.64 4.93 13.12
C GLN A 174 16.48 5.35 14.05
N CYS A 175 16.58 5.05 15.33
CA CYS A 175 15.61 5.49 16.31
C CYS A 175 14.20 4.95 16.37
N ILE A 176 13.55 4.83 15.23
CA ILE A 176 12.17 4.41 15.16
C ILE A 176 11.87 2.93 15.19
N ASP A 177 12.91 2.14 15.27
CA ASP A 177 12.75 0.72 15.33
C ASP A 177 12.80 0.09 16.72
N ASP B 6 11.77 26.53 -22.23
CA ASP B 6 12.10 25.33 -21.39
C ASP B 6 10.94 24.34 -21.37
N LEU B 7 11.28 23.09 -21.69
CA LEU B 7 10.33 21.97 -21.70
C LEU B 7 10.80 20.86 -20.74
N ILE B 8 9.88 20.16 -20.08
CA ILE B 8 10.26 19.03 -19.26
C ILE B 8 10.77 17.94 -20.21
N PRO B 9 11.97 17.45 -19.98
CA PRO B 9 12.44 16.42 -20.93
C PRO B 9 11.53 15.18 -21.18
N ALA B 10 11.60 14.69 -22.42
CA ALA B 10 10.87 13.52 -22.89
C ALA B 10 11.61 12.33 -22.27
N PRO B 11 10.87 11.35 -21.69
CA PRO B 11 11.51 10.19 -21.06
C PRO B 11 12.13 9.18 -21.99
N PRO B 12 13.07 8.37 -21.47
CA PRO B 12 13.70 7.34 -22.30
C PRO B 12 12.55 6.38 -22.58
N LEU B 13 12.51 5.80 -23.77
CA LEU B 13 11.45 4.88 -24.10
C LEU B 13 11.48 3.66 -23.23
N SER B 14 12.59 3.48 -22.52
CA SER B 14 12.73 2.37 -21.61
C SER B 14 11.72 2.61 -20.47
N LYS B 15 11.34 3.88 -20.23
CA LYS B 15 10.37 4.23 -19.18
C LYS B 15 8.92 4.14 -19.69
N VAL B 16 8.73 3.71 -20.92
CA VAL B 16 7.37 3.63 -21.50
C VAL B 16 7.06 2.19 -21.90
N PRO B 17 6.20 1.52 -21.13
CA PRO B 17 5.89 0.12 -21.48
C PRO B 17 5.03 0.00 -22.74
N LEU B 18 5.21 -1.12 -23.46
CA LEU B 18 4.42 -1.41 -24.68
C LEU B 18 3.41 -2.51 -24.31
N GLN B 19 2.14 -2.30 -24.66
CA GLN B 19 1.16 -3.32 -24.30
C GLN B 19 1.60 -4.70 -24.92
N GLN B 20 1.73 -5.77 -24.12
CA GLN B 20 2.13 -7.13 -24.73
C GLN B 20 1.01 -7.65 -25.68
N ASN B 21 1.42 -8.39 -26.72
CA ASN B 21 0.44 -9.07 -27.61
C ASN B 21 -0.73 -8.10 -28.01
N PHE B 22 -0.36 -6.90 -28.48
CA PHE B 22 -1.33 -5.86 -28.90
C PHE B 22 -2.25 -6.37 -30.04
N GLN B 23 -3.52 -6.03 -29.97
CA GLN B 23 -4.48 -6.51 -30.98
C GLN B 23 -5.21 -5.33 -31.62
N ASP B 24 -4.67 -4.84 -32.74
CA ASP B 24 -5.23 -3.69 -33.46
C ASP B 24 -6.74 -3.76 -33.62
N ASN B 25 -7.16 -4.96 -33.99
CA ASN B 25 -8.53 -5.34 -34.23
C ASN B 25 -9.39 -4.77 -33.12
N GLN B 26 -9.05 -5.15 -31.88
CA GLN B 26 -9.73 -4.73 -30.66
C GLN B 26 -9.57 -3.27 -30.28
N PHE B 27 -8.45 -2.67 -30.67
CA PHE B 27 -8.15 -1.29 -30.28
C PHE B 27 -8.95 -0.27 -31.08
N GLN B 28 -9.41 -0.67 -32.26
CA GLN B 28 -10.14 0.26 -33.12
C GLN B 28 -11.42 0.89 -32.58
N GLY B 29 -11.90 1.91 -33.28
CA GLY B 29 -13.11 2.56 -32.85
C GLY B 29 -12.94 3.84 -32.05
N LYS B 30 -14.01 4.28 -31.39
CA LYS B 30 -13.92 5.51 -30.68
C LYS B 30 -13.48 5.46 -29.26
N TRP B 31 -12.61 6.44 -28.98
CA TRP B 31 -12.07 6.63 -27.66
C TRP B 31 -12.26 8.10 -27.20
N TYR B 32 -12.69 8.26 -25.96
CA TYR B 32 -12.89 9.56 -25.35
C TYR B 32 -11.61 9.88 -24.59
N VAL B 33 -11.24 11.16 -24.59
CA VAL B 33 -10.04 11.57 -23.83
C VAL B 33 -10.51 12.08 -22.44
N VAL B 34 -10.38 11.17 -21.47
CA VAL B 34 -10.79 11.32 -20.07
C VAL B 34 -9.57 11.81 -19.28
N GLY B 35 -8.39 11.74 -19.92
CA GLY B 35 -7.16 12.17 -19.29
C GLY B 35 -6.12 12.63 -20.30
N LEU B 36 -5.49 13.75 -19.99
CA LEU B 36 -4.55 14.36 -20.89
C LEU B 36 -3.28 14.83 -20.18
N ALA B 37 -2.10 14.44 -20.65
CA ALA B 37 -0.88 14.92 -19.97
C ALA B 37 0.32 15.11 -20.89
N GLY B 38 1.21 16.05 -20.53
CA GLY B 38 2.42 16.27 -21.34
C GLY B 38 3.28 17.52 -21.09
N ASN B 39 4.54 17.49 -21.54
CA ASN B 39 5.45 18.66 -21.33
C ASN B 39 4.94 19.91 -22.04
N ALA B 40 3.91 19.72 -22.86
CA ALA B 40 3.24 20.80 -23.56
C ALA B 40 1.78 21.00 -23.08
N ILE B 41 1.26 20.18 -22.16
CA ILE B 41 -0.11 20.38 -21.67
C ILE B 41 0.05 21.15 -20.35
N LEU B 42 -0.96 21.96 -20.04
CA LEU B 42 -0.99 22.79 -18.81
C LEU B 42 -2.41 23.06 -18.27
N ARG B 43 -2.62 22.80 -16.97
CA ARG B 43 -3.92 23.02 -16.33
C ARG B 43 -4.37 24.51 -16.30
N GLU B 44 -5.69 24.72 -16.43
CA GLU B 44 -6.32 26.05 -16.44
C GLU B 44 -7.04 26.37 -15.10
N PRO B 48 -10.72 25.68 -18.71
CA PRO B 48 -10.74 24.24 -18.37
C PRO B 48 -10.94 23.40 -19.64
N GLN B 49 -10.10 22.37 -19.80
CA GLN B 49 -10.17 21.54 -21.01
C GLN B 49 -11.46 20.81 -21.30
N LYS B 50 -12.03 21.01 -22.49
CA LYS B 50 -13.27 20.34 -22.88
C LYS B 50 -12.95 18.97 -23.45
N MET B 51 -13.82 17.99 -23.22
CA MET B 51 -13.57 16.65 -23.73
C MET B 51 -13.62 16.61 -25.25
N TYR B 52 -12.69 15.85 -25.85
CA TYR B 52 -12.67 15.67 -27.28
C TYR B 52 -12.52 14.17 -27.47
N ALA B 53 -12.76 13.68 -28.69
CA ALA B 53 -12.69 12.24 -28.95
C ALA B 53 -11.82 11.94 -30.12
N THR B 54 -11.31 10.73 -30.16
CA THR B 54 -10.42 10.36 -31.24
C THR B 54 -10.81 8.99 -31.73
N ILE B 55 -11.05 8.92 -33.03
CA ILE B 55 -11.52 7.71 -33.68
C ILE B 55 -10.45 6.98 -34.48
N TYR B 56 -10.27 5.72 -34.11
CA TYR B 56 -9.31 4.84 -34.76
C TYR B 56 -10.01 3.84 -35.69
N GLU B 57 -9.81 4.09 -36.99
CA GLU B 57 -10.41 3.28 -38.03
C GLU B 57 -9.40 2.34 -38.70
N LEU B 58 -9.47 1.07 -38.30
CA LEU B 58 -8.55 0.08 -38.83
C LEU B 58 -8.80 -0.04 -40.34
N LYS B 59 -7.74 0.18 -41.11
CA LYS B 59 -7.84 0.10 -42.56
C LYS B 59 -7.49 -1.28 -43.06
N GLU B 60 -8.08 -1.68 -44.17
CA GLU B 60 -7.78 -2.98 -44.79
C GLU B 60 -6.27 -3.21 -44.81
N ASP B 61 -5.53 -2.11 -44.92
CA ASP B 61 -4.07 -2.16 -44.93
C ASP B 61 -3.39 -2.29 -43.52
N LYS B 62 -4.19 -2.37 -42.47
CA LYS B 62 -3.69 -2.51 -41.11
C LYS B 62 -3.10 -1.22 -40.52
N SER B 63 -3.39 -0.10 -41.18
CA SER B 63 -2.99 1.23 -40.74
C SER B 63 -4.24 1.83 -40.15
N TYR B 64 -4.07 2.84 -39.31
CA TYR B 64 -5.22 3.51 -38.69
C TYR B 64 -5.46 4.89 -39.28
N ASN B 65 -6.69 5.13 -39.74
CA ASN B 65 -7.02 6.47 -40.17
C ASN B 65 -7.50 7.07 -38.85
N VAL B 66 -6.94 8.21 -38.48
CA VAL B 66 -7.23 8.77 -37.17
C VAL B 66 -7.88 10.12 -37.25
N THR B 67 -9.09 10.25 -36.73
CA THR B 67 -9.72 11.55 -36.79
C THR B 67 -10.15 11.96 -35.39
N SER B 68 -9.79 13.19 -35.05
CA SER B 68 -10.09 13.76 -33.74
C SER B 68 -11.17 14.80 -33.88
N VAL B 69 -12.19 14.71 -33.03
CA VAL B 69 -13.28 15.69 -33.09
C VAL B 69 -13.30 16.49 -31.80
N LEU B 70 -13.33 17.83 -31.96
CA LEU B 70 -13.41 18.74 -30.83
C LEU B 70 -14.49 19.78 -31.12
N PHE B 71 -15.08 20.30 -30.04
CA PHE B 71 -16.09 21.34 -30.12
C PHE B 71 -15.34 22.66 -29.91
N ARG B 72 -15.30 23.54 -30.90
CA ARG B 72 -14.58 24.84 -30.78
C ARG B 72 -15.31 25.95 -31.50
N LYS B 73 -15.44 27.12 -30.86
CA LYS B 73 -16.14 28.30 -31.41
C LYS B 73 -17.49 27.91 -32.06
N LYS B 74 -18.30 27.20 -31.29
CA LYS B 74 -19.61 26.70 -31.69
C LYS B 74 -19.67 25.81 -32.97
N LYS B 75 -18.62 25.04 -33.18
CA LYS B 75 -18.56 24.15 -34.31
C LYS B 75 -17.80 22.90 -34.00
N CYS B 76 -17.96 21.93 -34.88
CA CYS B 76 -17.25 20.69 -34.73
C CYS B 76 -15.99 20.74 -35.59
N ASP B 77 -14.83 20.63 -34.96
CA ASP B 77 -13.52 20.62 -35.67
C ASP B 77 -12.98 19.22 -35.79
N TYR B 78 -12.68 18.84 -37.02
CA TYR B 78 -12.14 17.52 -37.29
C TYR B 78 -10.66 17.68 -37.69
N TRP B 79 -9.84 16.78 -37.17
CA TRP B 79 -8.40 16.71 -37.38
C TRP B 79 -8.16 15.25 -37.76
N ILE B 80 -7.59 15.04 -38.95
CA ILE B 80 -7.30 13.70 -39.43
C ILE B 80 -5.81 13.49 -39.77
N ARG B 81 -5.31 12.30 -39.48
CA ARG B 81 -3.93 11.92 -39.74
C ARG B 81 -3.96 10.44 -40.00
N THR B 82 -2.79 9.86 -40.22
CA THR B 82 -2.72 8.43 -40.44
C THR B 82 -1.59 7.87 -39.56
N PHE B 83 -1.86 6.76 -38.90
CA PHE B 83 -0.87 6.14 -38.06
C PHE B 83 -0.51 4.83 -38.71
N VAL B 84 0.75 4.67 -39.05
CA VAL B 84 1.10 3.42 -39.64
C VAL B 84 1.96 2.58 -38.68
N PRO B 85 1.65 1.27 -38.55
CA PRO B 85 2.32 0.28 -37.68
C PRO B 85 3.83 0.28 -37.75
N GLY B 86 4.44 0.35 -36.58
CA GLY B 86 5.89 0.35 -36.48
C GLY B 86 6.41 -1.07 -36.38
N SER B 87 7.60 -1.23 -35.83
CA SER B 87 8.21 -2.56 -35.73
C SER B 87 7.55 -3.55 -34.76
N GLN B 88 7.01 -3.03 -33.66
CA GLN B 88 6.33 -3.86 -32.69
C GLN B 88 4.81 -3.61 -32.78
N PRO B 89 3.97 -4.66 -32.62
CA PRO B 89 2.54 -4.39 -32.68
C PRO B 89 2.31 -3.51 -31.44
N GLY B 90 1.53 -2.45 -31.60
CA GLY B 90 1.32 -1.51 -30.51
C GLY B 90 2.05 -0.17 -30.71
N GLU B 91 3.01 -0.16 -31.63
CA GLU B 91 3.70 1.08 -31.92
C GLU B 91 3.19 1.57 -33.26
N PHE B 92 3.27 2.88 -33.48
CA PHE B 92 2.82 3.46 -34.73
C PHE B 92 3.67 4.65 -35.11
N THR B 93 3.72 4.94 -36.41
CA THR B 93 4.48 6.10 -36.88
C THR B 93 3.43 6.96 -37.59
N LEU B 94 3.79 8.20 -37.87
CA LEU B 94 2.90 9.12 -38.51
C LEU B 94 2.85 9.07 -40.04
N GLY B 95 1.66 8.72 -40.56
CA GLY B 95 1.42 8.65 -42.00
C GLY B 95 1.76 9.97 -42.69
N ASN B 96 2.47 9.88 -43.81
CA ASN B 96 2.91 11.07 -44.52
C ASN B 96 3.55 12.17 -43.62
N ILE B 97 4.45 11.74 -42.75
CA ILE B 97 5.14 12.64 -41.87
C ILE B 97 5.86 13.73 -42.67
N LYS B 98 6.35 13.35 -43.87
CA LYS B 98 7.06 14.29 -44.73
C LYS B 98 6.22 15.51 -45.19
N SER B 99 4.89 15.37 -45.28
CA SER B 99 4.10 16.55 -45.71
C SER B 99 3.91 17.56 -44.55
N TYR B 100 4.46 17.22 -43.38
CA TYR B 100 4.37 18.11 -42.21
C TYR B 100 5.67 18.88 -42.00
N PRO B 101 5.60 20.21 -42.21
CA PRO B 101 6.67 21.22 -42.10
C PRO B 101 7.20 21.24 -40.68
N GLY B 102 8.52 21.09 -40.50
CA GLY B 102 9.10 21.13 -39.16
C GLY B 102 9.06 19.83 -38.34
N LEU B 103 8.19 18.93 -38.76
CA LEU B 103 8.05 17.68 -38.06
C LEU B 103 9.13 16.72 -38.49
N THR B 104 10.10 16.45 -37.61
CA THR B 104 11.14 15.54 -38.04
C THR B 104 10.99 14.11 -37.55
N SER B 105 10.42 13.88 -36.38
CA SER B 105 10.24 12.48 -35.95
C SER B 105 8.89 12.38 -35.21
N TYR B 106 8.32 11.17 -35.21
CA TYR B 106 7.03 10.92 -34.55
C TYR B 106 6.85 9.47 -34.21
N LEU B 107 6.38 9.26 -32.99
CA LEU B 107 6.18 7.89 -32.52
C LEU B 107 4.94 7.76 -31.59
N VAL B 108 4.24 6.65 -31.73
CA VAL B 108 3.08 6.41 -30.88
C VAL B 108 3.34 5.05 -30.31
N ARG B 109 3.09 4.90 -29.02
CA ARG B 109 3.24 3.61 -28.39
C ARG B 109 2.08 3.38 -27.44
N VAL B 110 1.28 2.37 -27.74
CA VAL B 110 0.15 2.03 -26.86
C VAL B 110 0.78 1.49 -25.57
N VAL B 111 0.56 2.24 -24.50
CA VAL B 111 1.18 1.85 -23.21
C VAL B 111 0.49 0.62 -22.52
N SER B 112 -0.81 0.74 -22.29
CA SER B 112 -1.61 -0.31 -21.67
C SER B 112 -3.10 -0.21 -22.11
N THR B 113 -3.80 -1.33 -22.09
CA THR B 113 -5.19 -1.33 -22.51
C THR B 113 -5.92 -2.63 -22.25
N ASN B 114 -7.22 -2.52 -22.04
CA ASN B 114 -8.04 -3.74 -21.93
C ASN B 114 -9.05 -3.66 -23.08
N TYR B 115 -8.75 -2.80 -24.06
CA TYR B 115 -9.53 -2.62 -25.28
C TYR B 115 -11.01 -2.20 -25.18
N ASN B 116 -11.73 -2.73 -24.20
CA ASN B 116 -13.14 -2.43 -24.08
C ASN B 116 -13.54 -1.39 -23.05
N GLN B 117 -12.59 -0.88 -22.26
CA GLN B 117 -12.93 0.14 -21.27
C GLN B 117 -11.97 1.33 -21.33
N HIS B 118 -10.69 1.01 -21.25
CA HIS B 118 -9.66 2.03 -21.21
C HIS B 118 -8.34 1.69 -21.94
N ALA B 119 -7.60 2.74 -22.28
CA ALA B 119 -6.28 2.62 -22.88
C ALA B 119 -5.43 3.86 -22.44
N MET B 120 -4.12 3.64 -22.44
CA MET B 120 -3.15 4.63 -22.10
C MET B 120 -2.17 4.64 -23.26
N VAL B 121 -2.10 5.78 -23.92
CA VAL B 121 -1.22 5.93 -25.04
C VAL B 121 -0.24 7.12 -24.93
N PHE B 122 1.02 6.82 -25.30
CA PHE B 122 2.13 7.77 -25.29
C PHE B 122 2.45 8.27 -26.69
N PHE B 123 2.65 9.56 -26.77
CA PHE B 123 2.97 10.19 -28.04
C PHE B 123 4.26 11.02 -27.94
N LYS B 124 5.19 10.77 -28.85
CA LYS B 124 6.39 11.60 -28.86
C LYS B 124 6.66 12.09 -30.27
N LYS B 125 7.17 13.31 -30.34
CA LYS B 125 7.51 13.96 -31.59
C LYS B 125 8.56 15.07 -31.48
N VAL B 126 9.25 15.30 -32.60
CA VAL B 126 10.23 16.36 -32.67
C VAL B 126 9.90 17.36 -33.75
N SER B 127 9.48 18.55 -33.35
CA SER B 127 9.19 19.62 -34.30
C SER B 127 9.82 20.94 -33.88
N GLN B 128 10.49 21.57 -34.85
CA GLN B 128 11.26 22.82 -34.69
C GLN B 128 12.28 22.56 -33.63
N ASN B 129 12.90 21.39 -33.84
CA ASN B 129 13.93 20.78 -33.02
C ASN B 129 13.67 20.63 -31.53
N ARG B 130 12.44 20.90 -31.10
CA ARG B 130 12.04 20.73 -29.69
C ARG B 130 11.36 19.35 -29.49
N GLU B 131 11.57 18.78 -28.31
CA GLU B 131 11.00 17.47 -28.05
C GLU B 131 9.76 17.49 -27.19
N TYR B 132 8.62 17.10 -27.78
CA TYR B 132 7.35 17.04 -27.04
C TYR B 132 6.85 15.62 -26.79
N PHE B 133 6.09 15.48 -25.70
CA PHE B 133 5.48 14.20 -25.41
C PHE B 133 4.19 14.45 -24.68
N LYS B 134 3.29 13.46 -24.76
CA LYS B 134 2.01 13.51 -24.10
C LYS B 134 1.49 12.10 -23.90
N ILE B 135 0.52 11.99 -23.00
CA ILE B 135 -0.15 10.74 -22.68
C ILE B 135 -1.63 11.05 -22.60
N THR B 136 -2.43 10.25 -23.32
CA THR B 136 -3.87 10.42 -23.24
C THR B 136 -4.33 9.17 -22.46
N LEU B 137 -5.33 9.33 -21.60
CA LEU B 137 -5.97 8.25 -20.84
C LEU B 137 -7.27 8.10 -21.68
N TYR B 138 -7.41 6.98 -22.39
CA TYR B 138 -8.60 6.80 -23.22
C TYR B 138 -9.71 6.03 -22.53
N GLY B 139 -10.94 6.46 -22.74
CA GLY B 139 -12.08 5.78 -22.15
C GLY B 139 -13.07 5.38 -23.23
N ARG B 140 -13.70 4.22 -23.13
CA ARG B 140 -14.68 3.89 -24.18
C ARG B 140 -15.92 4.73 -23.84
N THR B 141 -15.97 5.18 -22.58
CA THR B 141 -17.04 6.02 -22.01
C THR B 141 -16.48 7.41 -21.62
N LYS B 142 -17.35 8.41 -21.37
CA LYS B 142 -16.84 9.73 -20.96
C LYS B 142 -16.42 9.66 -19.50
N GLU B 143 -16.60 8.50 -18.90
CA GLU B 143 -16.20 8.37 -17.50
C GLU B 143 -15.25 7.22 -17.24
N LEU B 144 -14.41 7.37 -16.22
CA LEU B 144 -13.53 6.29 -15.75
C LEU B 144 -13.35 6.38 -14.22
N THR B 145 -12.90 5.28 -13.62
CA THR B 145 -12.73 5.20 -12.18
C THR B 145 -11.53 5.98 -11.60
N SER B 146 -11.72 6.47 -10.36
CA SER B 146 -10.70 7.20 -9.62
C SER B 146 -9.41 6.39 -9.60
N GLU B 147 -9.54 5.08 -9.42
CA GLU B 147 -8.40 4.16 -9.43
C GLU B 147 -7.64 4.28 -10.76
N LEU B 148 -8.38 4.30 -11.89
CA LEU B 148 -7.83 4.45 -13.27
C LEU B 148 -7.19 5.84 -13.45
N LYS B 149 -7.94 6.86 -13.09
CA LYS B 149 -7.47 8.22 -13.11
C LYS B 149 -6.19 8.34 -12.24
N GLU B 150 -6.09 7.57 -11.17
CA GLU B 150 -4.89 7.65 -10.32
C GLU B 150 -3.70 6.88 -10.88
N ASN B 151 -3.95 5.72 -11.49
CA ASN B 151 -2.83 4.94 -12.05
C ASN B 151 -2.24 5.80 -13.18
N PHE B 152 -3.10 6.58 -13.84
CA PHE B 152 -2.68 7.47 -14.92
C PHE B 152 -1.83 8.63 -14.39
N ILE B 153 -2.14 9.17 -13.22
CA ILE B 153 -1.32 10.26 -12.66
C ILE B 153 0.03 9.68 -12.21
N ARG B 154 -0.04 8.49 -11.61
CA ARG B 154 1.16 7.84 -11.12
C ARG B 154 2.11 7.69 -12.29
N PHE B 155 1.59 7.17 -13.41
CA PHE B 155 2.37 6.92 -14.62
C PHE B 155 2.97 8.22 -15.18
N SER B 156 2.13 9.24 -15.29
CA SER B 156 2.50 10.55 -15.77
C SER B 156 3.64 11.13 -14.94
N LYS B 157 3.48 11.10 -13.61
CA LYS B 157 4.53 11.59 -12.72
C LYS B 157 5.78 10.75 -12.90
N SER B 158 5.61 9.45 -13.13
CA SER B 158 6.80 8.62 -13.35
C SER B 158 7.59 9.05 -14.63
N LEU B 159 6.93 9.84 -15.51
CA LEU B 159 7.58 10.28 -16.76
C LEU B 159 8.18 11.69 -16.67
N GLY B 160 7.97 12.35 -15.51
CA GLY B 160 8.51 13.66 -15.23
C GLY B 160 7.45 14.70 -15.02
N LEU B 161 6.23 14.42 -15.43
CA LEU B 161 5.21 15.42 -15.33
C LEU B 161 4.57 15.64 -13.97
N PRO B 162 4.57 16.91 -13.51
CA PRO B 162 4.04 17.47 -12.27
C PRO B 162 2.57 17.61 -12.54
N GLU B 163 1.79 17.85 -11.50
CA GLU B 163 0.34 17.91 -11.62
C GLU B 163 -0.26 19.07 -12.43
N ASN B 164 0.42 20.20 -12.55
CA ASN B 164 -0.16 21.31 -13.33
C ASN B 164 -0.05 21.01 -14.83
N HIS B 165 0.48 19.83 -15.16
CA HIS B 165 0.64 19.38 -16.56
C HIS B 165 -0.19 18.11 -16.83
N ILE B 166 -1.03 17.75 -15.87
CA ILE B 166 -1.92 16.59 -15.96
C ILE B 166 -3.32 17.17 -15.93
N VAL B 167 -4.15 16.83 -16.93
CA VAL B 167 -5.53 17.33 -17.06
C VAL B 167 -6.57 16.23 -17.25
N PHE B 168 -7.79 16.47 -16.77
CA PHE B 168 -8.88 15.51 -16.93
C PHE B 168 -9.98 16.29 -17.60
N PRO B 169 -10.09 16.19 -18.92
CA PRO B 169 -11.12 16.93 -19.68
C PRO B 169 -12.57 16.80 -19.22
N VAL B 170 -13.37 17.87 -19.33
CA VAL B 170 -14.79 17.87 -18.90
C VAL B 170 -15.71 17.31 -19.98
N PRO B 171 -16.42 16.20 -19.70
CA PRO B 171 -17.29 15.65 -20.74
C PRO B 171 -18.21 16.71 -21.29
N ILE B 172 -18.62 16.55 -22.55
CA ILE B 172 -19.56 17.46 -23.17
C ILE B 172 -20.41 16.58 -24.10
N ASP B 173 -21.40 17.18 -24.74
CA ASP B 173 -22.32 16.43 -25.60
C ASP B 173 -22.29 16.82 -27.07
N GLN B 174 -21.76 18.00 -27.40
CA GLN B 174 -21.68 18.45 -28.79
C GLN B 174 -20.55 17.74 -29.49
N CYS B 175 -20.80 17.31 -30.72
CA CYS B 175 -19.78 16.69 -31.57
C CYS B 175 -19.18 15.29 -31.29
N ILE B 176 -18.89 15.00 -30.02
CA ILE B 176 -18.24 13.76 -29.64
C ILE B 176 -19.07 12.50 -29.39
N ASP B 177 -20.35 12.54 -29.71
CA ASP B 177 -21.18 11.36 -29.52
C ASP B 177 -21.70 10.96 -30.88
N SER C 5 17.76 -40.25 8.65
CA SER C 5 19.01 -39.69 9.35
C SER C 5 19.76 -38.65 8.49
N ASP C 6 19.02 -38.14 7.45
CA ASP C 6 19.47 -37.13 6.49
C ASP C 6 18.36 -36.03 6.39
N LEU C 7 18.72 -34.77 6.56
CA LEU C 7 17.69 -33.71 6.57
C LEU C 7 17.97 -32.51 5.73
N ILE C 8 16.96 -31.92 5.08
CA ILE C 8 17.26 -30.65 4.38
C ILE C 8 17.75 -29.65 5.50
N PRO C 9 18.82 -28.88 5.28
CA PRO C 9 19.25 -28.01 6.37
C PRO C 9 18.39 -26.82 6.68
N ALA C 10 18.38 -26.45 7.97
CA ALA C 10 17.66 -25.26 8.42
C ALA C 10 18.34 -24.12 7.66
N PRO C 11 17.54 -23.13 7.17
CA PRO C 11 18.12 -21.98 6.42
C PRO C 11 18.75 -21.02 7.39
N PRO C 12 19.68 -20.19 6.94
CA PRO C 12 20.21 -19.24 7.95
C PRO C 12 19.04 -18.26 8.32
N LEU C 13 19.02 -17.81 9.57
CA LEU C 13 17.95 -16.91 10.00
C LEU C 13 17.81 -15.64 9.11
N SER C 14 18.87 -15.34 8.39
CA SER C 14 18.94 -14.19 7.51
C SER C 14 17.96 -14.33 6.33
N LYS C 15 17.45 -15.53 6.10
CA LYS C 15 16.48 -15.74 5.02
C LYS C 15 15.04 -15.83 5.50
N VAL C 16 14.88 -15.62 6.81
CA VAL C 16 13.57 -15.68 7.52
C VAL C 16 13.20 -14.31 8.12
N PRO C 17 12.39 -13.55 7.37
CA PRO C 17 11.92 -12.20 7.77
C PRO C 17 11.15 -12.32 9.09
N LEU C 18 11.20 -11.22 9.82
CA LEU C 18 10.50 -11.07 11.07
C LEU C 18 9.41 -9.95 10.80
N GLN C 19 8.15 -10.23 11.14
CA GLN C 19 7.07 -9.25 10.99
C GLN C 19 7.46 -7.95 11.75
N GLN C 20 7.42 -6.84 11.06
CA GLN C 20 7.80 -5.56 11.65
C GLN C 20 6.78 -5.05 12.73
N ASN C 21 7.25 -4.51 13.85
CA ASN C 21 6.38 -3.95 14.87
C ASN C 21 5.20 -4.92 15.23
N PHE C 22 5.57 -6.15 15.57
CA PHE C 22 4.62 -7.21 15.92
C PHE C 22 3.72 -6.79 17.11
N GLN C 23 2.42 -7.06 16.99
CA GLN C 23 1.43 -6.73 18.01
C GLN C 23 0.87 -8.01 18.65
N ASP C 24 1.41 -8.34 19.83
CA ASP C 24 1.03 -9.55 20.50
C ASP C 24 -0.48 -9.65 20.81
N ASN C 25 -1.14 -8.50 21.09
CA ASN C 25 -2.57 -8.49 21.39
C ASN C 25 -3.40 -8.82 20.10
N GLN C 26 -3.00 -8.33 18.95
CA GLN C 26 -3.71 -8.60 17.69
C GLN C 26 -3.55 -10.05 17.15
N PHE C 27 -2.45 -10.69 17.53
CA PHE C 27 -2.11 -12.03 17.08
C PHE C 27 -2.82 -13.13 17.84
N GLN C 28 -3.39 -12.78 19.00
CA GLN C 28 -4.06 -13.77 19.84
C GLN C 28 -5.22 -14.42 19.20
N GLY C 29 -5.73 -15.47 19.84
CA GLY C 29 -6.90 -16.17 19.26
C GLY C 29 -6.50 -17.45 18.54
N LYS C 30 -7.47 -17.97 17.81
CA LYS C 30 -7.34 -19.23 17.12
C LYS C 30 -6.86 -19.12 15.68
N TRP C 31 -5.96 -19.99 15.29
CA TRP C 31 -5.54 -19.98 13.92
C TRP C 31 -5.65 -21.38 13.39
N TYR C 32 -6.14 -21.52 12.14
CA TYR C 32 -6.19 -22.83 11.48
C TYR C 32 -4.96 -23.07 10.64
N VAL C 33 -4.45 -24.30 10.61
CA VAL C 33 -3.24 -24.51 9.80
C VAL C 33 -3.58 -24.88 8.32
N VAL C 34 -3.73 -23.89 7.44
CA VAL C 34 -4.08 -24.19 6.05
C VAL C 34 -2.95 -24.61 5.11
N GLY C 35 -1.71 -24.43 5.60
CA GLY C 35 -0.51 -24.86 4.91
C GLY C 35 0.56 -25.22 5.95
N LEU C 36 1.34 -26.22 5.62
CA LEU C 36 2.38 -26.71 6.48
C LEU C 36 3.53 -27.18 5.64
N ALA C 37 4.73 -26.73 5.97
CA ALA C 37 5.93 -27.18 5.23
C ALA C 37 7.13 -27.31 6.22
N GLY C 38 8.03 -28.23 5.93
CA GLY C 38 9.18 -28.44 6.78
C GLY C 38 10.12 -29.57 6.35
N ASN C 39 11.31 -29.64 6.99
CA ASN C 39 12.27 -30.71 6.61
C ASN C 39 11.82 -32.06 7.19
N ALA C 40 10.87 -32.09 8.09
CA ALA C 40 10.39 -33.41 8.51
C ALA C 40 8.88 -33.54 8.15
N ILE C 41 8.38 -32.74 7.20
CA ILE C 41 6.97 -32.83 6.82
C ILE C 41 6.95 -33.48 5.47
N LEU C 42 6.07 -34.45 5.27
CA LEU C 42 6.02 -35.18 3.98
C LEU C 42 4.63 -35.41 3.45
N ARG C 43 4.43 -35.24 2.15
CA ARG C 43 3.07 -35.47 1.63
C ARG C 43 2.76 -36.97 1.70
N GLU C 44 1.49 -37.28 1.82
CA GLU C 44 1.01 -38.66 1.89
C GLU C 44 -0.18 -38.85 0.90
N ASP C 45 0.04 -39.50 -0.24
CA ASP C 45 -1.10 -39.66 -1.12
C ASP C 45 -2.21 -40.35 -0.34
N LYS C 46 -1.83 -41.39 0.40
CA LYS C 46 -2.77 -42.21 1.17
C LYS C 46 -3.57 -41.71 2.38
N ASP C 47 -2.90 -41.12 3.39
CA ASP C 47 -3.63 -40.62 4.56
C ASP C 47 -3.34 -39.11 4.63
N PRO C 48 -3.88 -38.29 3.72
CA PRO C 48 -3.65 -36.84 3.70
C PRO C 48 -3.72 -36.13 5.03
N GLN C 49 -2.75 -35.28 5.32
CA GLN C 49 -2.77 -34.56 6.59
C GLN C 49 -4.11 -33.83 6.82
N LYS C 50 -4.65 -33.96 8.02
CA LYS C 50 -5.90 -33.24 8.26
C LYS C 50 -5.55 -31.88 8.90
N MET C 51 -6.43 -30.90 8.73
CA MET C 51 -6.26 -29.60 9.30
C MET C 51 -6.35 -29.66 10.84
N TYR C 52 -5.50 -28.90 11.51
CA TYR C 52 -5.56 -28.80 12.96
C TYR C 52 -5.53 -27.27 13.26
N ALA C 53 -5.69 -26.86 14.54
CA ALA C 53 -5.69 -25.47 14.92
C ALA C 53 -4.81 -25.23 16.12
N THR C 54 -4.36 -23.98 16.23
CA THR C 54 -3.52 -23.61 17.32
C THR C 54 -4.08 -22.31 17.83
N ILE C 55 -4.27 -22.21 19.15
CA ILE C 55 -4.86 -21.05 19.85
C ILE C 55 -3.82 -20.38 20.73
N TYR C 56 -3.72 -19.07 20.61
CA TYR C 56 -2.69 -18.31 21.34
C TYR C 56 -3.42 -17.40 22.36
N GLU C 57 -3.21 -17.57 23.67
CA GLU C 57 -3.84 -16.67 24.65
C GLU C 57 -2.76 -15.91 25.35
N LEU C 58 -2.82 -14.60 25.23
CA LEU C 58 -1.81 -13.70 25.77
C LEU C 58 -2.07 -13.60 27.26
N LYS C 59 -1.07 -13.93 28.07
CA LYS C 59 -1.23 -13.88 29.51
C LYS C 59 -0.74 -12.56 30.01
N GLU C 60 -1.10 -12.24 31.25
CA GLU C 60 -0.70 -10.99 31.87
C GLU C 60 0.80 -10.84 31.84
N ASP C 61 1.52 -11.93 32.03
CA ASP C 61 2.96 -11.78 31.98
C ASP C 61 3.60 -11.65 30.56
N LYS C 62 2.78 -11.50 29.52
CA LYS C 62 3.18 -11.31 28.11
C LYS C 62 3.61 -12.59 27.34
N SER C 63 3.60 -13.73 28.00
CA SER C 63 3.95 -14.96 27.31
C SER C 63 2.62 -15.47 26.79
N TYR C 64 2.67 -16.39 25.84
CA TYR C 64 1.43 -17.01 25.38
C TYR C 64 1.24 -18.44 25.92
N ASN C 65 -0.04 -18.73 26.22
CA ASN C 65 -0.46 -20.08 26.59
C ASN C 65 -0.88 -20.58 25.18
N VAL C 66 -0.31 -21.66 24.72
CA VAL C 66 -0.59 -22.08 23.36
C VAL C 66 -1.23 -23.50 23.35
N THR C 67 -2.34 -23.65 22.66
CA THR C 67 -3.01 -24.95 22.59
C THR C 67 -3.28 -25.39 21.16
N SER C 68 -2.71 -26.50 20.74
CA SER C 68 -3.06 -26.97 19.38
C SER C 68 -3.98 -28.16 19.62
N VAL C 69 -4.97 -28.30 18.75
CA VAL C 69 -5.89 -29.43 18.82
C VAL C 69 -6.00 -30.08 17.47
N LEU C 70 -5.95 -31.40 17.47
CA LEU C 70 -6.01 -32.29 16.33
C LEU C 70 -6.98 -33.44 16.46
N PHE C 71 -7.52 -33.90 15.33
CA PHE C 71 -8.35 -35.07 15.31
C PHE C 71 -7.42 -36.24 14.88
N ARG C 72 -7.07 -37.08 15.82
CA ARG C 72 -6.17 -38.22 15.58
C ARG C 72 -6.70 -39.51 16.26
N LYS C 73 -6.99 -40.53 15.46
CA LYS C 73 -7.44 -41.82 15.99
C LYS C 73 -8.81 -41.72 16.65
N LYS C 74 -9.72 -41.04 15.99
CA LYS C 74 -11.07 -40.90 16.46
C LYS C 74 -11.11 -40.09 17.78
N LYS C 75 -9.98 -39.54 18.21
CA LYS C 75 -9.95 -38.64 19.37
C LYS C 75 -9.46 -37.18 19.10
N CYS C 76 -9.86 -36.25 19.99
CA CYS C 76 -9.41 -34.88 19.92
C CYS C 76 -8.16 -34.89 20.82
N ASP C 77 -7.01 -34.57 20.26
CA ASP C 77 -5.73 -34.50 20.98
C ASP C 77 -5.41 -33.02 21.19
N TYR C 78 -4.92 -32.71 22.37
CA TYR C 78 -4.63 -31.35 22.79
C TYR C 78 -3.16 -31.24 23.28
N TRP C 79 -2.41 -30.25 22.76
CA TRP C 79 -1.03 -30.05 23.23
C TRP C 79 -1.05 -28.63 23.75
N ILE C 80 -0.66 -28.47 25.01
CA ILE C 80 -0.67 -27.17 25.66
C ILE C 80 0.76 -26.82 26.05
N ARG C 81 1.23 -25.65 25.60
CA ARG C 81 2.59 -25.23 25.97
C ARG C 81 2.63 -23.74 26.23
N THR C 82 3.78 -23.24 26.60
CA THR C 82 3.99 -21.82 26.84
C THR C 82 5.06 -21.26 25.90
N PHE C 83 4.75 -20.11 25.24
CA PHE C 83 5.72 -19.43 24.37
C PHE C 83 6.14 -18.11 25.16
N VAL C 84 7.41 -18.02 25.50
CA VAL C 84 7.96 -16.91 26.21
C VAL C 84 8.59 -15.98 25.13
N PRO C 85 8.39 -14.65 25.27
CA PRO C 85 8.86 -13.62 24.35
C PRO C 85 10.39 -13.81 24.18
N GLY C 86 10.83 -13.83 22.91
CA GLY C 86 12.25 -14.00 22.59
C GLY C 86 12.97 -12.68 22.51
N SER C 87 14.10 -12.70 21.81
CA SER C 87 14.95 -11.54 21.69
C SER C 87 14.35 -10.31 21.03
N GLN C 88 13.46 -10.52 20.05
CA GLN C 88 12.81 -9.48 19.30
C GLN C 88 11.29 -9.73 19.30
N PRO C 89 10.46 -8.65 19.35
CA PRO C 89 8.99 -8.81 19.34
C PRO C 89 8.61 -9.67 18.11
N GLY C 90 7.84 -10.73 18.33
CA GLY C 90 7.38 -11.57 17.26
C GLY C 90 8.16 -12.87 17.28
N GLU C 91 9.17 -12.93 18.15
CA GLU C 91 9.89 -14.19 18.31
C GLU C 91 9.54 -14.76 19.72
N PHE C 92 9.62 -16.09 19.83
CA PHE C 92 9.35 -16.79 21.07
C PHE C 92 10.24 -18.01 21.26
N THR C 93 10.49 -18.34 22.53
CA THR C 93 11.20 -19.56 22.86
C THR C 93 10.19 -20.40 23.64
N LEU C 94 10.43 -21.72 23.76
CA LEU C 94 9.52 -22.63 24.49
C LEU C 94 9.68 -22.57 25.96
N GLY C 95 8.64 -22.27 26.77
CA GLY C 95 8.87 -22.30 28.21
C GLY C 95 9.02 -23.74 28.76
N ASN C 96 9.67 -23.88 29.91
CA ASN C 96 9.90 -25.16 30.63
C ASN C 96 10.56 -26.16 29.74
N ILE C 97 11.50 -25.75 28.92
CA ILE C 97 12.12 -26.68 28.00
C ILE C 97 12.78 -27.88 28.71
N LYS C 98 13.22 -27.68 29.96
CA LYS C 98 13.89 -28.72 30.74
C LYS C 98 13.06 -29.98 30.91
N SER C 99 11.76 -29.79 31.01
CA SER C 99 10.89 -30.94 31.19
C SER C 99 10.60 -31.78 29.92
N TYR C 100 11.26 -31.45 28.80
CA TYR C 100 11.14 -32.15 27.53
C TYR C 100 12.50 -32.76 27.15
N PRO C 101 12.75 -33.97 27.64
CA PRO C 101 14.04 -34.65 27.34
C PRO C 101 14.46 -34.75 25.84
N GLY C 102 15.71 -34.38 25.61
CA GLY C 102 16.23 -34.43 24.26
C GLY C 102 15.90 -33.20 23.46
N LEU C 103 15.00 -32.34 23.94
CA LEU C 103 14.65 -31.12 23.21
C LEU C 103 15.56 -30.04 23.81
N THR C 104 16.54 -29.59 23.04
CA THR C 104 17.40 -28.64 23.62
C THR C 104 17.27 -27.25 23.04
N SER C 105 16.44 -27.05 22.01
CA SER C 105 16.27 -25.72 21.45
C SER C 105 14.91 -25.61 20.77
N TYR C 106 14.27 -24.45 20.87
CA TYR C 106 12.96 -24.24 20.22
C TYR C 106 12.76 -22.74 19.95
N LEU C 107 12.61 -22.35 18.69
CA LEU C 107 12.48 -20.93 18.37
C LEU C 107 11.32 -20.73 17.47
N VAL C 108 10.55 -19.68 17.77
CA VAL C 108 9.41 -19.31 16.97
C VAL C 108 9.67 -17.91 16.45
N ARG C 109 9.41 -17.75 15.15
CA ARG C 109 9.53 -16.42 14.55
C ARG C 109 8.30 -16.12 13.61
N VAL C 110 7.48 -15.12 13.98
CA VAL C 110 6.35 -14.72 13.16
C VAL C 110 6.95 -13.95 11.92
N VAL C 111 6.81 -14.56 10.74
CA VAL C 111 7.36 -14.00 9.46
C VAL C 111 6.53 -12.79 8.92
N SER C 112 5.24 -13.00 8.81
CA SER C 112 4.36 -11.93 8.38
C SER C 112 2.91 -12.28 8.75
N THR C 113 2.14 -11.25 9.01
CA THR C 113 0.76 -11.46 9.33
C THR C 113 -0.07 -10.18 9.13
N ASN C 114 -1.33 -10.30 8.78
CA ASN C 114 -2.09 -9.07 8.84
C ASN C 114 -3.09 -9.21 10.05
N TYR C 115 -2.86 -10.18 10.96
CA TYR C 115 -3.64 -10.39 12.15
C TYR C 115 -5.11 -10.86 12.07
N ASN C 116 -5.88 -10.33 11.11
CA ASN C 116 -7.33 -10.69 10.99
C ASN C 116 -7.60 -11.75 9.92
N GLN C 117 -6.63 -12.11 9.05
CA GLN C 117 -6.92 -13.17 8.09
C GLN C 117 -5.86 -14.26 8.03
N HIS C 118 -4.59 -13.86 7.99
CA HIS C 118 -3.51 -14.83 7.76
C HIS C 118 -2.19 -14.49 8.43
N ALA C 119 -1.34 -15.52 8.50
CA ALA C 119 -0.01 -15.43 9.10
C ALA C 119 0.87 -16.58 8.55
N MET C 120 2.19 -16.35 8.62
CA MET C 120 3.17 -17.37 8.28
C MET C 120 4.11 -17.29 9.45
N VAL C 121 4.37 -18.42 10.02
CA VAL C 121 5.23 -18.51 11.19
C VAL C 121 6.29 -19.59 10.99
N PHE C 122 7.52 -19.24 11.35
CA PHE C 122 8.66 -20.15 11.22
C PHE C 122 9.01 -20.77 12.59
N PHE C 123 9.28 -22.07 12.61
CA PHE C 123 9.64 -22.76 13.85
C PHE C 123 10.95 -23.55 13.63
N LYS C 124 11.85 -23.48 14.59
CA LYS C 124 13.10 -24.25 14.46
C LYS C 124 13.42 -24.93 15.78
N LYS C 125 13.75 -26.22 15.79
CA LYS C 125 14.10 -26.88 17.06
C LYS C 125 15.24 -27.84 16.89
N VAL C 126 15.84 -28.22 18.00
CA VAL C 126 16.88 -29.19 17.93
C VAL C 126 16.40 -30.25 18.92
N SER C 127 16.20 -31.45 18.41
CA SER C 127 15.73 -32.63 19.17
C SER C 127 16.69 -33.82 18.85
N GLN C 128 17.16 -34.51 19.90
CA GLN C 128 18.15 -35.56 19.72
C GLN C 128 19.30 -34.97 18.88
N ASN C 129 19.69 -33.73 19.11
CA ASN C 129 20.71 -33.10 18.32
C ASN C 129 20.48 -33.04 16.80
N ARG C 130 19.26 -33.33 16.34
CA ARG C 130 18.92 -33.18 14.92
C ARG C 130 18.18 -31.83 14.74
N GLU C 131 18.53 -31.05 13.72
CA GLU C 131 17.86 -29.76 13.57
C GLU C 131 16.68 -29.75 12.58
N TYR C 132 15.49 -29.54 13.11
CA TYR C 132 14.25 -29.49 12.31
C TYR C 132 13.64 -28.06 12.19
N PHE C 133 12.94 -27.82 11.06
CA PHE C 133 12.25 -26.55 10.91
C PHE C 133 10.97 -26.76 10.14
N LYS C 134 10.00 -25.85 10.38
CA LYS C 134 8.74 -25.90 9.64
C LYS C 134 8.20 -24.50 9.53
N ILE C 135 7.30 -24.31 8.57
CA ILE C 135 6.62 -23.01 8.36
C ILE C 135 5.12 -23.34 8.30
N THR C 136 4.32 -22.61 9.10
CA THR C 136 2.87 -22.80 9.01
C THR C 136 2.25 -21.60 8.23
N LEU C 137 1.18 -21.85 7.52
CA LEU C 137 0.41 -20.80 6.86
C LEU C 137 -0.89 -20.85 7.72
N TYR C 138 -1.12 -19.84 8.53
CA TYR C 138 -2.25 -19.77 9.40
C TYR C 138 -3.40 -18.91 8.77
N GLY C 139 -4.62 -19.36 9.00
CA GLY C 139 -5.82 -18.69 8.56
C GLY C 139 -6.79 -18.48 9.71
N ARG C 140 -7.44 -17.35 9.73
CA ARG C 140 -8.47 -17.11 10.75
C ARG C 140 -9.68 -18.05 10.44
N THR C 141 -9.82 -18.42 9.15
CA THR C 141 -10.83 -19.38 8.71
C THR C 141 -10.04 -20.54 8.07
N LYS C 142 -10.77 -21.58 7.67
CA LYS C 142 -10.20 -22.77 7.06
C LYS C 142 -9.77 -22.64 5.63
N GLU C 143 -10.05 -21.51 5.03
CA GLU C 143 -9.65 -21.33 3.66
C GLU C 143 -8.84 -20.08 3.38
N LEU C 144 -7.92 -20.13 2.44
CA LEU C 144 -7.28 -18.84 2.04
C LEU C 144 -7.20 -18.81 0.53
N THR C 145 -6.98 -17.60 0.03
CA THR C 145 -6.87 -17.36 -1.37
C THR C 145 -5.65 -18.06 -2.00
N SER C 146 -5.80 -18.31 -3.30
CA SER C 146 -4.76 -18.89 -4.11
C SER C 146 -3.50 -18.02 -3.98
N GLU C 147 -3.67 -16.71 -3.93
CA GLU C 147 -2.53 -15.85 -3.87
C GLU C 147 -1.68 -16.09 -2.57
N LEU C 148 -2.35 -16.22 -1.42
CA LEU C 148 -1.64 -16.44 -0.16
C LEU C 148 -1.01 -17.81 -0.19
N LYS C 149 -1.68 -18.78 -0.80
CA LYS C 149 -1.11 -20.12 -0.85
C LYS C 149 0.16 -20.16 -1.71
N GLU C 150 0.16 -19.52 -2.88
CA GLU C 150 1.36 -19.45 -3.68
C GLU C 150 2.47 -18.65 -2.99
N ASN C 151 2.14 -17.53 -2.31
CA ASN C 151 3.19 -16.79 -1.57
C ASN C 151 3.86 -17.75 -0.61
N PHE C 152 3.08 -18.60 0.03
CA PHE C 152 3.63 -19.59 0.97
C PHE C 152 4.54 -20.65 0.31
N ILE C 153 4.11 -21.14 -0.84
CA ILE C 153 4.92 -22.16 -1.55
C ILE C 153 6.25 -21.51 -1.95
N ARG C 154 6.16 -20.27 -2.46
CA ARG C 154 7.36 -19.57 -2.85
C ARG C 154 8.30 -19.31 -1.68
N PHE C 155 7.74 -18.91 -0.54
CA PHE C 155 8.58 -18.66 0.61
C PHE C 155 9.22 -19.96 1.04
N SER C 156 8.42 -21.02 1.12
CA SER C 156 8.92 -22.34 1.51
C SER C 156 10.13 -22.83 0.61
N LYS C 157 9.96 -22.68 -0.69
CA LYS C 157 11.00 -23.10 -1.59
C LYS C 157 12.22 -22.24 -1.40
N SER C 158 12.04 -20.95 -1.10
CA SER C 158 13.21 -20.12 -0.91
C SER C 158 14.01 -20.60 0.34
N LEU C 159 13.39 -21.39 1.22
CA LEU C 159 14.13 -21.86 2.39
C LEU C 159 14.74 -23.25 2.05
N GLY C 160 14.66 -23.60 0.75
CA GLY C 160 15.25 -24.86 0.31
C GLY C 160 14.36 -26.07 0.36
N LEU C 161 13.06 -25.89 0.60
CA LEU C 161 12.20 -27.05 0.63
C LEU C 161 11.56 -27.35 -0.74
N PRO C 162 11.61 -28.61 -1.19
CA PRO C 162 10.99 -29.06 -2.47
C PRO C 162 9.48 -29.26 -2.22
N GLU C 163 8.71 -29.22 -3.31
CA GLU C 163 7.26 -29.27 -3.31
C GLU C 163 6.74 -30.41 -2.54
N ASN C 164 7.46 -31.52 -2.52
CA ASN C 164 6.95 -32.67 -1.75
C ASN C 164 7.11 -32.49 -0.23
N HIS C 165 7.74 -31.40 0.23
CA HIS C 165 7.83 -31.14 1.71
C HIS C 165 6.82 -30.01 2.09
N ILE C 166 5.88 -29.74 1.18
CA ILE C 166 4.87 -28.71 1.37
C ILE C 166 3.43 -29.27 1.29
N VAL C 167 2.66 -29.25 2.39
CA VAL C 167 1.28 -29.73 2.28
C VAL C 167 0.20 -28.71 2.70
N PHE C 168 -1.05 -29.02 2.29
CA PHE C 168 -2.19 -28.19 2.60
C PHE C 168 -3.19 -29.11 3.31
N PRO C 169 -3.18 -29.07 4.65
CA PRO C 169 -4.09 -29.94 5.42
C PRO C 169 -5.56 -29.77 4.97
N VAL C 170 -6.27 -30.90 4.97
CA VAL C 170 -7.65 -30.93 4.50
C VAL C 170 -8.56 -30.43 5.59
N PRO C 171 -9.44 -29.47 5.29
CA PRO C 171 -10.34 -28.95 6.31
C PRO C 171 -11.21 -30.10 6.87
N ILE C 172 -11.49 -30.05 8.19
CA ILE C 172 -12.36 -30.99 8.89
C ILE C 172 -13.19 -30.24 9.90
N ASP C 173 -14.19 -30.90 10.48
CA ASP C 173 -15.08 -30.24 11.46
C ASP C 173 -14.87 -30.77 12.86
N GLN C 174 -14.34 -31.97 12.97
CA GLN C 174 -14.07 -32.51 14.28
C GLN C 174 -13.00 -31.73 15.09
N CYS C 175 -13.31 -31.49 16.36
CA CYS C 175 -12.40 -30.91 17.34
C CYS C 175 -11.83 -29.56 17.24
N ILE C 176 -11.63 -29.08 15.99
CA ILE C 176 -10.91 -27.85 15.78
C ILE C 176 -11.81 -26.67 15.79
N ASP C 177 -13.13 -26.90 15.83
CA ASP C 177 -14.07 -25.77 15.83
C ASP C 177 -14.55 -25.35 17.21
#